data_2QQH
#
_entry.id   2QQH
#
_cell.length_a   178.920
_cell.length_b   178.920
_cell.length_c   75.009
_cell.angle_alpha   90.00
_cell.angle_beta   90.00
_cell.angle_gamma   90.00
#
_symmetry.space_group_name_H-M   'I 4 2 2'
#
loop_
_entity.id
_entity.type
_entity.pdbx_description
1 polymer 'Complement component C8 alpha chain'
2 non-polymer 'SULFATE ION'
3 non-polymer 'NICKEL (II) ION'
4 water water
#
_entity_poly.entity_id   1
_entity_poly.type   'polypeptide(L)'
_entity_poly.pdbx_seq_one_letter_code
;GSVRAIDEDCSQYEPIPGSQKAALGYNILTQEDAQSVYDASYYGGQCETVYNGEWRELRYDSTSERLYYGDDEKYFRKPY
NFLKYHFEALADTGISSEFYDNANDLLSKVKKDKSDSFGVTIGIGPAGSPLLVGVGVSHSQDTSFLNELNKYNEKKFIFT
RIFTKVQTAHFKMRKDDIMLDEGMLQSLMELPDQYNYGMYAKFINDYGTHYITSGSMGGIYEYILVIDKAKMESLG
(UNK)(UNK)(UNK)(UNK)(UNK)(UNK)(UNK)(UNK)(UNK)(UNK)(UNK)(UNK)ARKAMAVEDIISRVRGGSSG
WSGGLAQNRSTITYRSWGRSLKYNPVVIDFEMQPIHEVLRHTSLGPLEAKRQNLRRALDQYLMAAA
;
_entity_poly.pdbx_strand_id   A
#
loop_
_chem_comp.id
_chem_comp.type
_chem_comp.name
_chem_comp.formula
NI non-polymer 'NICKEL (II) ION' 'Ni 2'
SO4 non-polymer 'SULFATE ION' 'O4 S -2'
#
# COMPACT_ATOMS: atom_id res chain seq x y z
N SER A 2 -22.91 -6.80 -9.17
CA SER A 2 -24.36 -6.74 -9.26
C SER A 2 -24.87 -5.35 -8.92
N VAL A 3 -25.73 -4.81 -9.78
CA VAL A 3 -26.40 -3.55 -9.51
C VAL A 3 -27.80 -3.83 -8.97
N ARG A 4 -28.12 -3.27 -7.80
CA ARG A 4 -29.34 -3.65 -7.11
C ARG A 4 -30.66 -3.11 -7.66
N ALA A 5 -30.76 -1.79 -7.83
CA ALA A 5 -32.03 -1.16 -8.25
C ALA A 5 -32.64 -0.37 -7.11
N ILE A 6 -33.12 0.83 -7.41
CA ILE A 6 -33.49 1.79 -6.37
C ILE A 6 -34.83 1.46 -5.68
N ASP A 7 -34.75 0.53 -4.72
CA ASP A 7 -35.87 0.07 -3.89
C ASP A 7 -35.39 -1.10 -3.02
N GLU A 8 -34.14 -1.49 -3.24
CA GLU A 8 -33.36 -2.24 -2.27
C GLU A 8 -32.54 -1.19 -1.53
N ASP A 9 -32.53 -1.24 -0.19
CA ASP A 9 -31.68 -0.33 0.57
C ASP A 9 -30.25 -0.85 0.54
N CYS A 10 -29.31 0.08 0.39
CA CYS A 10 -27.91 -0.23 0.19
C CYS A 10 -27.12 0.04 1.47
N SER A 11 -27.83 0.41 2.54
CA SER A 11 -27.23 0.64 3.86
C SER A 11 -26.83 -0.69 4.52
N GLN A 12 -27.70 -1.68 4.35
CA GLN A 12 -27.34 -3.08 4.32
C GLN A 12 -25.84 -3.39 4.10
N TYR A 13 -25.31 -3.01 2.94
CA TYR A 13 -23.97 -3.46 2.50
C TYR A 13 -22.82 -2.65 3.09
N GLU A 14 -21.85 -3.34 3.66
CA GLU A 14 -20.62 -2.70 4.13
C GLU A 14 -19.80 -2.24 2.91
N PRO A 15 -19.02 -1.15 3.08
CA PRO A 15 -18.22 -0.69 1.94
C PRO A 15 -17.08 -1.68 1.70
N ILE A 16 -16.69 -1.88 0.44
CA ILE A 16 -15.62 -2.80 0.10
C ILE A 16 -14.37 -2.49 0.92
N PRO A 17 -13.69 -3.53 1.41
CA PRO A 17 -12.51 -3.30 2.25
C PRO A 17 -11.42 -2.57 1.48
N GLY A 18 -10.75 -1.65 2.16
CA GLY A 18 -9.67 -0.91 1.54
C GLY A 18 -10.15 0.36 0.86
N SER A 19 -11.46 0.62 0.87
CA SER A 19 -11.99 1.74 0.12
C SER A 19 -11.47 3.11 0.60
N GLN A 20 -11.39 3.33 1.90
CA GLN A 20 -10.89 4.59 2.42
C GLN A 20 -9.42 4.78 2.07
N LYS A 21 -8.68 3.68 2.11
CA LYS A 21 -7.24 3.72 1.91
C LYS A 21 -6.86 4.01 0.50
N ALA A 22 -7.61 3.46 -0.45
CA ALA A 22 -7.36 3.65 -1.87
C ALA A 22 -7.65 5.08 -2.29
N ALA A 23 -8.43 5.77 -1.48
CA ALA A 23 -8.89 7.11 -1.80
C ALA A 23 -7.85 8.15 -1.40
N LEU A 24 -6.91 7.78 -0.54
CA LEU A 24 -5.88 8.71 -0.06
C LEU A 24 -4.79 9.04 -1.09
N GLY A 25 -4.26 10.27 -1.05
CA GLY A 25 -3.07 10.61 -1.83
C GLY A 25 -1.82 9.96 -1.26
N TYR A 26 -0.75 10.03 -2.00
CA TYR A 26 0.48 9.42 -1.58
C TYR A 26 1.62 10.41 -1.85
N ASN A 27 2.65 10.40 -1.01
CA ASN A 27 3.81 11.29 -1.18
C ASN A 27 5.02 10.44 -1.54
N ILE A 28 5.52 10.66 -2.76
CA ILE A 28 6.57 9.85 -3.34
C ILE A 28 7.89 10.03 -2.59
N LEU A 29 8.07 11.17 -1.93
CA LEU A 29 9.32 11.49 -1.30
C LEU A 29 9.38 10.95 0.12
N THR A 30 8.28 11.05 0.86
CA THR A 30 8.23 10.58 2.24
C THR A 30 7.75 9.15 2.32
N GLN A 31 7.18 8.65 1.22
CA GLN A 31 6.53 7.34 1.18
C GLN A 31 5.39 7.23 2.21
N GLU A 32 4.87 8.38 2.63
CA GLU A 32 3.71 8.48 3.50
C GLU A 32 2.44 8.63 2.67
N ASP A 33 1.32 8.18 3.25
CA ASP A 33 -0.01 8.46 2.73
C ASP A 33 -0.34 9.93 2.98
N ALA A 34 -1.33 10.46 2.29
CA ALA A 34 -1.79 11.83 2.52
C ALA A 34 -3.30 11.83 2.78
N GLN A 35 -3.92 12.99 2.89
CA GLN A 35 -5.37 13.05 3.03
C GLN A 35 -6.13 12.49 1.81
N SER A 36 -7.46 12.37 1.93
CA SER A 36 -8.28 11.82 0.84
C SER A 36 -8.23 12.69 -0.41
N VAL A 37 -8.13 12.03 -1.56
CA VAL A 37 -8.17 12.72 -2.83
C VAL A 37 -9.50 12.41 -3.52
N TYR A 38 -9.84 11.13 -3.63
CA TYR A 38 -11.16 10.72 -4.13
C TYR A 38 -12.16 10.88 -2.99
N ASP A 39 -13.43 11.04 -3.32
CA ASP A 39 -14.47 10.94 -2.32
C ASP A 39 -14.74 9.44 -2.12
N ALA A 40 -14.27 8.92 -1.00
CA ALA A 40 -14.38 7.48 -0.65
C ALA A 40 -15.80 6.98 -0.44
N SER A 41 -16.73 7.88 -0.18
CA SER A 41 -18.07 7.43 0.17
C SER A 41 -19.16 7.91 -0.79
N TYR A 42 -18.78 8.40 -1.95
CA TYR A 42 -19.78 8.79 -2.92
C TYR A 42 -20.24 7.53 -3.67
N TYR A 43 -21.54 7.35 -3.74
CA TYR A 43 -22.08 6.20 -4.44
C TYR A 43 -22.79 6.52 -5.74
N GLY A 44 -22.87 7.79 -6.11
CA GLY A 44 -23.42 8.15 -7.41
C GLY A 44 -24.88 7.79 -7.59
N GLY A 45 -25.62 7.81 -6.48
CA GLY A 45 -27.05 7.58 -6.51
C GLY A 45 -27.39 6.16 -6.87
N GLN A 46 -26.46 5.23 -6.65
CA GLN A 46 -26.79 3.84 -6.90
C GLN A 46 -26.04 2.84 -6.05
N CYS A 47 -26.55 1.60 -6.11
CA CYS A 47 -26.15 0.51 -5.25
C CYS A 47 -25.45 -0.53 -6.09
N GLU A 48 -24.13 -0.49 -6.04
CA GLU A 48 -23.28 -1.39 -6.78
C GLU A 48 -22.67 -2.34 -5.77
N THR A 49 -22.83 -3.63 -5.99
CA THR A 49 -22.29 -4.58 -5.06
C THR A 49 -21.33 -5.55 -5.72
N VAL A 50 -20.45 -6.09 -4.87
CA VAL A 50 -19.39 -7.00 -5.21
C VAL A 50 -19.47 -8.28 -4.32
N TYR A 51 -19.34 -9.44 -4.94
CA TYR A 51 -19.48 -10.71 -4.25
C TYR A 51 -18.23 -11.13 -3.50
N ASN A 52 -18.40 -11.50 -2.23
CA ASN A 52 -17.31 -12.08 -1.47
C ASN A 52 -17.49 -13.56 -1.27
N GLY A 53 -16.93 -14.36 -2.17
CA GLY A 53 -17.11 -15.82 -2.10
C GLY A 53 -16.68 -16.48 -0.78
N GLU A 54 -15.84 -15.79 -0.02
CA GLU A 54 -15.28 -16.32 1.23
C GLU A 54 -16.10 -15.95 2.45
N TRP A 55 -17.36 -15.57 2.26
CA TRP A 55 -18.16 -15.05 3.38
C TRP A 55 -18.34 -15.99 4.60
N ARG A 56 -18.28 -17.32 4.42
CA ARG A 56 -18.38 -18.26 5.56
C ARG A 56 -17.27 -17.97 6.58
N GLU A 57 -16.10 -17.63 6.05
CA GLU A 57 -14.95 -17.25 6.89
C GLU A 57 -15.11 -15.78 7.27
N LEU A 58 -15.66 -15.57 8.47
CA LEU A 58 -15.91 -14.23 9.02
C LEU A 58 -16.39 -14.32 10.47
N ASP A 71 -28.53 -12.54 0.60
CA ASP A 71 -27.44 -11.59 0.29
C ASP A 71 -27.10 -10.77 1.54
N ASP A 72 -26.23 -9.77 1.38
CA ASP A 72 -25.91 -8.82 2.46
C ASP A 72 -24.70 -9.20 3.37
N GLU A 73 -24.61 -10.50 3.70
CA GLU A 73 -23.40 -11.01 4.37
C GLU A 73 -22.32 -11.31 3.33
N LYS A 74 -22.76 -11.66 2.12
CA LYS A 74 -21.85 -12.08 1.06
C LYS A 74 -21.48 -11.03 0.01
N TYR A 75 -21.98 -9.80 0.18
CA TYR A 75 -21.77 -8.75 -0.80
C TYR A 75 -21.37 -7.47 -0.12
N PHE A 76 -20.42 -6.76 -0.74
CA PHE A 76 -19.97 -5.47 -0.23
C PHE A 76 -20.40 -4.39 -1.20
N ARG A 77 -20.54 -3.16 -0.70
CA ARG A 77 -20.84 -2.03 -1.57
C ARG A 77 -19.60 -1.36 -2.15
N LYS A 78 -19.64 -1.08 -3.45
CA LYS A 78 -18.52 -0.48 -4.19
C LYS A 78 -18.76 1.01 -4.46
N PRO A 79 -17.97 1.89 -3.81
CA PRO A 79 -18.18 3.32 -4.08
C PRO A 79 -17.94 3.61 -5.56
N TYR A 80 -18.60 4.65 -6.04
CA TYR A 80 -18.58 4.98 -7.43
C TYR A 80 -17.17 5.18 -7.99
N ASN A 81 -16.27 5.82 -7.24
CA ASN A 81 -14.92 6.06 -7.77
C ASN A 81 -14.13 4.78 -8.08
N PHE A 82 -14.66 3.63 -7.68
CA PHE A 82 -14.04 2.37 -8.06
C PHE A 82 -14.71 1.83 -9.30
N LEU A 83 -14.01 1.95 -10.43
CA LEU A 83 -14.50 1.39 -11.67
C LEU A 83 -14.54 -0.14 -11.57
N LYS A 84 -13.62 -0.74 -10.83
CA LYS A 84 -13.56 -2.19 -10.71
C LYS A 84 -12.99 -2.53 -9.35
N TYR A 85 -13.53 -3.58 -8.75
CA TYR A 85 -12.99 -4.16 -7.56
C TYR A 85 -13.57 -5.55 -7.54
N HIS A 86 -12.71 -6.53 -7.35
CA HIS A 86 -13.13 -7.91 -7.22
C HIS A 86 -12.09 -8.52 -6.31
N PHE A 87 -12.43 -9.60 -5.62
CA PHE A 87 -11.56 -10.25 -4.67
C PHE A 87 -10.59 -11.22 -5.33
N GLU A 88 -9.47 -11.47 -4.67
CA GLU A 88 -8.52 -12.46 -5.18
C GLU A 88 -7.97 -13.14 -3.95
N ALA A 89 -7.22 -14.22 -4.14
CA ALA A 89 -6.34 -14.71 -3.08
C ALA A 89 -5.05 -15.18 -3.75
N LEU A 90 -4.11 -14.25 -3.95
CA LEU A 90 -2.82 -14.59 -4.58
C LEU A 90 -1.66 -14.38 -3.63
N ALA A 91 -0.85 -15.40 -3.49
CA ALA A 91 0.23 -15.37 -2.51
C ALA A 91 1.60 -15.46 -3.17
N ASP A 92 2.45 -14.50 -2.83
CA ASP A 92 3.86 -14.51 -3.26
C ASP A 92 4.80 -14.66 -2.06
N THR A 93 5.52 -15.77 -1.98
CA THR A 93 6.52 -15.97 -0.91
C THR A 93 7.94 -15.62 -1.41
N GLY A 94 8.52 -14.55 -0.89
CA GLY A 94 9.89 -14.15 -1.20
C GLY A 94 10.91 -14.73 -0.23
N ILE A 95 11.14 -16.05 -0.31
CA ILE A 95 11.92 -16.78 0.71
C ILE A 95 13.42 -16.43 0.76
N SER A 96 13.78 -15.37 0.02
CA SER A 96 15.10 -14.72 0.00
C SER A 96 16.07 -15.33 -1.02
N SER A 97 17.31 -15.51 -0.60
CA SER A 97 18.37 -16.13 -1.39
C SER A 97 19.27 -16.78 -0.37
N GLU A 98 18.92 -16.51 0.89
CA GLU A 98 19.32 -17.26 2.08
C GLU A 98 20.36 -16.53 2.94
N PHE A 99 21.63 -16.53 2.52
CA PHE A 99 22.70 -15.86 3.26
C PHE A 99 22.62 -14.34 3.15
N TYR A 100 23.29 -13.65 4.07
CA TYR A 100 23.53 -12.21 3.95
C TYR A 100 24.39 -11.71 5.12
N ASP A 101 25.53 -11.10 4.79
CA ASP A 101 26.52 -10.66 5.79
C ASP A 101 25.99 -9.58 6.75
N ASN A 102 25.19 -8.65 6.22
CA ASN A 102 24.70 -7.53 7.02
C ASN A 102 23.20 -7.26 6.83
N ALA A 103 22.60 -6.53 7.77
CA ALA A 103 21.16 -6.29 7.78
C ALA A 103 20.72 -5.20 6.80
N ASN A 104 21.40 -4.05 6.87
CA ASN A 104 21.17 -2.94 5.96
C ASN A 104 21.39 -3.36 4.51
N ASP A 105 22.47 -4.12 4.27
CA ASP A 105 22.72 -4.71 2.96
C ASP A 105 21.53 -5.54 2.52
N LEU A 106 20.99 -6.35 3.43
CA LEU A 106 19.82 -7.18 3.11
C LEU A 106 18.59 -6.36 2.75
N LEU A 107 18.30 -5.32 3.52
CA LEU A 107 17.11 -4.50 3.27
C LEU A 107 17.26 -3.56 2.09
N SER A 108 18.47 -3.06 1.85
CA SER A 108 18.75 -2.22 0.70
C SER A 108 18.77 -3.05 -0.58
N LYS A 109 19.37 -4.24 -0.51
CA LYS A 109 19.45 -5.14 -1.66
C LYS A 109 18.12 -5.86 -1.94
N VAL A 110 17.17 -5.75 -1.02
CA VAL A 110 15.82 -6.23 -1.30
C VAL A 110 15.16 -5.27 -2.26
N LYS A 111 15.46 -3.98 -2.11
CA LYS A 111 14.78 -2.98 -2.92
C LYS A 111 15.40 -2.92 -4.31
N LYS A 112 16.72 -2.73 -4.35
CA LYS A 112 17.45 -2.57 -5.60
C LYS A 112 17.61 -3.87 -6.40
N ASP A 113 17.97 -4.95 -5.73
CA ASP A 113 18.46 -6.17 -6.41
C ASP A 113 17.44 -7.30 -6.65
N LYS A 114 16.27 -7.25 -6.01
CA LYS A 114 15.33 -8.37 -6.10
C LYS A 114 14.05 -8.15 -6.93
N SER A 115 13.41 -9.27 -7.28
CA SER A 115 12.20 -9.29 -8.09
C SER A 115 10.98 -8.78 -7.29
N ASP A 116 9.87 -8.53 -7.99
CA ASP A 116 8.68 -7.89 -7.40
C ASP A 116 7.96 -8.69 -6.30
N SER A 117 8.16 -9.99 -6.27
CA SER A 117 7.56 -10.77 -5.19
C SER A 117 8.37 -10.69 -3.88
N PHE A 118 9.44 -9.88 -3.88
CA PHE A 118 10.23 -9.62 -2.69
C PHE A 118 9.82 -8.34 -1.94
N GLY A 119 8.73 -7.70 -2.37
CA GLY A 119 8.28 -6.49 -1.71
C GLY A 119 7.06 -5.86 -2.37
N VAL A 120 6.83 -4.60 -2.06
CA VAL A 120 5.69 -3.90 -2.64
C VAL A 120 6.15 -2.91 -3.70
N THR A 121 5.27 -2.68 -4.68
CA THR A 121 5.64 -1.79 -5.79
C THR A 121 4.72 -0.58 -5.92
N ILE A 122 5.32 0.47 -6.47
CA ILE A 122 4.63 1.66 -6.92
C ILE A 122 5.15 1.90 -8.35
N GLY A 123 4.27 2.39 -9.20
CA GLY A 123 4.58 2.71 -10.57
C GLY A 123 3.84 3.97 -10.98
N ILE A 124 4.43 4.75 -11.87
CA ILE A 124 3.81 5.98 -12.31
C ILE A 124 3.28 5.81 -13.71
N GLY A 125 1.95 5.92 -13.84
CA GLY A 125 1.30 5.89 -15.16
C GLY A 125 1.15 4.48 -15.70
N PRO A 126 1.13 4.35 -17.04
CA PRO A 126 0.86 3.06 -17.68
C PRO A 126 2.14 2.25 -17.88
N ALA A 127 2.94 2.63 -18.87
CA ALA A 127 4.24 2.00 -19.14
C ALA A 127 5.30 2.40 -18.11
N GLY A 128 4.85 3.05 -17.03
CA GLY A 128 5.74 3.43 -15.94
C GLY A 128 6.18 2.21 -15.16
N SER A 129 7.39 1.72 -15.48
CA SER A 129 7.94 0.53 -14.83
C SER A 129 7.92 0.63 -13.30
N PRO A 130 7.37 -0.40 -12.63
CA PRO A 130 7.19 -0.32 -11.17
C PRO A 130 8.51 -0.25 -10.39
N LEU A 131 8.50 0.53 -9.32
CA LEU A 131 9.59 0.62 -8.37
C LEU A 131 9.25 -0.22 -7.12
N LEU A 132 10.17 -1.09 -6.72
CA LEU A 132 10.03 -1.91 -5.53
C LEU A 132 10.41 -1.08 -4.30
N VAL A 133 9.46 -0.94 -3.37
CA VAL A 133 9.63 -0.04 -2.22
C VAL A 133 9.64 -0.78 -0.87
N GLY A 134 10.33 -1.92 -0.84
CA GLY A 134 10.37 -2.78 0.33
C GLY A 134 8.95 -3.12 0.76
N VAL A 135 8.67 -2.86 2.03
CA VAL A 135 7.39 -3.19 2.65
C VAL A 135 6.29 -2.16 2.38
N GLY A 136 6.70 -0.92 2.07
CA GLY A 136 5.75 0.15 1.70
C GLY A 136 5.26 1.00 2.86
N VAL A 137 6.04 1.04 3.95
CA VAL A 137 5.79 1.97 5.05
C VAL A 137 6.48 3.28 4.71
N SER A 138 6.38 4.28 5.58
CA SER A 138 7.05 5.58 5.38
C SER A 138 8.57 5.50 5.56
N HIS A 139 9.29 6.50 5.06
CA HIS A 139 10.75 6.53 5.23
C HIS A 139 11.17 6.62 6.71
N SER A 140 10.31 7.17 7.55
CA SER A 140 10.62 7.28 8.98
C SER A 140 10.35 5.95 9.66
N GLN A 141 9.35 5.21 9.15
CA GLN A 141 9.04 3.87 9.62
C GLN A 141 10.10 2.84 9.19
N ASP A 142 10.62 2.99 7.97
CA ASP A 142 11.77 2.19 7.52
C ASP A 142 13.00 2.40 8.42
N THR A 143 13.22 3.62 8.88
CA THR A 143 14.32 3.93 9.80
C THR A 143 13.95 3.78 11.30
N SER A 144 12.88 3.04 11.57
CA SER A 144 12.55 2.62 12.93
C SER A 144 12.58 1.09 13.02
N PHE A 145 12.12 0.43 11.95
CA PHE A 145 12.28 -1.02 11.83
C PHE A 145 13.76 -1.35 11.65
N LEU A 146 14.52 -0.36 11.19
CA LEU A 146 15.93 -0.49 10.86
C LEU A 146 16.82 -0.24 12.08
N ASN A 147 16.56 0.89 12.75
CA ASN A 147 17.26 1.29 13.95
C ASN A 147 16.98 0.35 15.11
N GLU A 148 15.70 -0.01 15.28
CA GLU A 148 15.29 -0.94 16.33
C GLU A 148 15.68 -2.39 15.99
N LEU A 149 15.92 -2.65 14.69
CA LEU A 149 16.44 -3.95 14.27
C LEU A 149 17.95 -4.00 14.44
N ASN A 150 18.66 -3.11 13.74
CA ASN A 150 20.11 -3.17 13.69
C ASN A 150 20.72 -3.62 15.02
N LYS A 151 20.39 -2.90 16.08
CA LYS A 151 20.83 -3.26 17.42
C LYS A 151 20.58 -4.74 17.70
N TYR A 152 21.65 -5.54 17.62
CA TYR A 152 21.57 -6.98 17.96
C TYR A 152 22.88 -7.76 17.74
N ASN A 153 23.73 -7.27 16.82
CA ASN A 153 24.90 -8.03 16.34
C ASN A 153 26.24 -7.60 16.97
N GLU A 154 27.19 -8.53 17.00
CA GLU A 154 28.59 -8.21 17.27
C GLU A 154 29.18 -7.35 16.16
N LYS A 155 29.85 -8.00 15.21
CA LYS A 155 30.23 -7.32 13.97
C LYS A 155 29.68 -8.13 12.81
N LYS A 156 28.63 -7.57 12.19
CA LYS A 156 27.71 -8.23 11.24
C LYS A 156 27.98 -9.70 10.87
N PHE A 157 27.12 -10.59 11.41
CA PHE A 157 27.17 -12.02 11.04
C PHE A 157 26.16 -12.48 9.97
N ILE A 158 25.03 -13.10 10.36
CA ILE A 158 24.16 -13.75 9.35
C ILE A 158 22.65 -13.49 9.48
N PHE A 159 22.05 -13.07 8.34
CA PHE A 159 20.63 -12.71 8.22
C PHE A 159 19.92 -13.36 7.01
N THR A 160 18.80 -14.04 7.28
CA THR A 160 17.92 -14.53 6.23
C THR A 160 16.62 -13.76 6.31
N ARG A 161 15.85 -13.77 5.21
CA ARG A 161 14.52 -13.15 5.19
C ARG A 161 13.45 -14.06 4.57
N ILE A 162 12.30 -14.11 5.21
CA ILE A 162 11.08 -14.63 4.58
C ILE A 162 10.08 -13.48 4.50
N PHE A 163 9.46 -13.35 3.31
CA PHE A 163 8.51 -12.29 3.05
C PHE A 163 7.33 -12.89 2.29
N THR A 164 6.12 -12.63 2.77
CA THR A 164 4.92 -13.10 2.07
C THR A 164 4.02 -11.93 1.70
N LYS A 165 3.51 -12.00 0.47
CA LYS A 165 2.68 -10.97 -0.11
C LYS A 165 1.37 -11.64 -0.51
N VAL A 166 0.27 -11.11 -0.01
CA VAL A 166 -1.06 -11.59 -0.41
C VAL A 166 -1.91 -10.48 -1.03
N GLN A 167 -2.45 -10.78 -2.19
CA GLN A 167 -3.40 -9.88 -2.82
C GLN A 167 -4.78 -10.44 -2.58
N THR A 168 -5.58 -9.66 -1.86
CA THR A 168 -6.94 -9.99 -1.56
C THR A 168 -7.94 -9.31 -2.54
N ALA A 169 -7.50 -8.32 -3.33
CA ALA A 169 -8.39 -7.72 -4.33
C ALA A 169 -7.65 -6.97 -5.42
N HIS A 170 -8.25 -6.90 -6.62
CA HIS A 170 -7.76 -6.05 -7.67
C HIS A 170 -8.73 -4.92 -7.80
N PHE A 171 -8.22 -3.71 -8.03
CA PHE A 171 -9.10 -2.62 -8.21
C PHE A 171 -8.53 -1.65 -9.24
N LYS A 172 -9.45 -0.87 -9.79
CA LYS A 172 -9.17 0.13 -10.79
C LYS A 172 -10.05 1.35 -10.48
N MET A 173 -9.42 2.51 -10.35
CA MET A 173 -10.14 3.74 -10.06
C MET A 173 -10.74 4.34 -11.36
N ARG A 174 -11.82 5.11 -11.26
CA ARG A 174 -12.33 5.78 -12.45
C ARG A 174 -11.31 6.80 -12.92
N LYS A 175 -11.22 6.94 -14.23
CA LYS A 175 -10.40 7.96 -14.80
C LYS A 175 -11.26 9.18 -15.18
N ASP A 176 -12.46 8.95 -15.68
CA ASP A 176 -13.33 10.01 -16.13
C ASP A 176 -14.36 10.29 -15.05
N ASP A 177 -14.82 11.52 -14.97
CA ASP A 177 -15.93 11.88 -14.09
C ASP A 177 -15.72 11.45 -12.63
N ILE A 178 -14.50 11.59 -12.14
CA ILE A 178 -14.17 11.35 -10.72
C ILE A 178 -14.95 12.29 -9.78
N MET A 179 -15.29 11.78 -8.61
CA MET A 179 -15.85 12.61 -7.59
C MET A 179 -14.73 12.87 -6.58
N LEU A 180 -14.28 14.11 -6.54
CA LEU A 180 -13.14 14.50 -5.72
C LEU A 180 -13.60 14.65 -4.30
N ASP A 181 -12.70 14.42 -3.36
CA ASP A 181 -13.04 14.60 -1.97
C ASP A 181 -13.51 16.04 -1.69
N GLU A 182 -14.56 16.21 -0.88
CA GLU A 182 -15.10 17.54 -0.62
C GLU A 182 -14.04 18.52 -0.09
N GLY A 183 -13.19 18.06 0.83
CA GLY A 183 -12.18 18.90 1.45
C GLY A 183 -11.06 19.30 0.49
N MET A 184 -10.57 18.35 -0.27
CA MET A 184 -9.57 18.68 -1.28
C MET A 184 -10.09 19.74 -2.27
N LEU A 185 -11.35 19.59 -2.68
CA LEU A 185 -11.95 20.53 -3.61
C LEU A 185 -12.05 21.95 -3.00
N GLN A 186 -12.40 22.01 -1.72
CA GLN A 186 -12.35 23.28 -0.98
C GLN A 186 -10.91 23.84 -0.92
N SER A 187 -9.91 22.99 -0.64
CA SER A 187 -8.51 23.45 -0.61
C SER A 187 -8.06 23.97 -1.98
N LEU A 188 -8.42 23.26 -3.04
CA LEU A 188 -8.12 23.73 -4.39
C LEU A 188 -8.70 25.12 -4.66
N MET A 189 -9.98 25.27 -4.32
CA MET A 189 -10.71 26.49 -4.62
C MET A 189 -10.14 27.66 -3.85
N GLU A 190 -9.36 27.36 -2.81
CA GLU A 190 -8.83 28.38 -1.92
C GLU A 190 -7.39 28.74 -2.22
N LEU A 191 -6.80 28.07 -3.20
CA LEU A 191 -5.44 28.40 -3.62
C LEU A 191 -5.57 29.62 -4.51
N PRO A 192 -4.51 30.44 -4.63
CA PRO A 192 -4.69 31.66 -5.40
C PRO A 192 -4.47 31.37 -6.89
N ASP A 193 -5.04 32.21 -7.76
CA ASP A 193 -4.87 32.08 -9.20
C ASP A 193 -3.42 32.34 -9.61
N GLN A 194 -2.79 33.28 -8.92
CA GLN A 194 -1.39 33.61 -9.17
C GLN A 194 -0.52 32.62 -8.42
N TYR A 195 0.62 32.27 -9.01
CA TYR A 195 1.49 31.22 -8.49
C TYR A 195 2.16 31.65 -7.20
N ASN A 196 2.00 30.85 -6.15
CA ASN A 196 2.70 31.03 -4.89
C ASN A 196 3.20 29.68 -4.40
N TYR A 197 4.52 29.47 -4.47
CA TYR A 197 5.08 28.14 -4.21
C TYR A 197 4.58 27.57 -2.89
N GLY A 198 4.90 28.26 -1.81
CA GLY A 198 4.60 27.80 -0.48
C GLY A 198 3.18 27.31 -0.31
N MET A 199 2.24 28.04 -0.88
CA MET A 199 0.83 27.67 -0.74
C MET A 199 0.51 26.41 -1.49
N TYR A 200 1.12 26.24 -2.65
CA TYR A 200 0.86 25.04 -3.40
C TYR A 200 1.61 23.87 -2.80
N ALA A 201 2.76 24.15 -2.18
CA ALA A 201 3.53 23.12 -1.48
C ALA A 201 2.77 22.60 -0.27
N LYS A 202 2.10 23.51 0.45
CA LYS A 202 1.20 23.11 1.53
C LYS A 202 0.11 22.18 1.01
N PHE A 203 -0.47 22.52 -0.14
CA PHE A 203 -1.43 21.62 -0.79
C PHE A 203 -0.82 20.27 -1.06
N ILE A 204 0.42 20.24 -1.57
CA ILE A 204 1.07 18.97 -1.87
C ILE A 204 1.31 18.17 -0.60
N ASN A 205 1.62 18.85 0.50
CA ASN A 205 1.87 18.14 1.75
C ASN A 205 0.61 17.50 2.33
N ASP A 206 -0.54 18.17 2.18
CA ASP A 206 -1.79 17.64 2.71
C ASP A 206 -2.34 16.53 1.83
N TYR A 207 -2.31 16.72 0.51
CA TYR A 207 -3.04 15.82 -0.39
C TYR A 207 -2.19 14.86 -1.18
N GLY A 208 -0.91 15.15 -1.27
CA GLY A 208 -0.01 14.19 -1.83
C GLY A 208 0.67 14.70 -3.07
N THR A 209 1.74 13.99 -3.39
CA THR A 209 2.45 14.15 -4.61
C THR A 209 1.70 13.47 -5.78
N HIS A 210 0.94 12.41 -5.44
CA HIS A 210 0.38 11.47 -6.40
C HIS A 210 -0.91 10.92 -5.82
N TYR A 211 -1.76 10.37 -6.68
CA TYR A 211 -2.95 9.63 -6.26
C TYR A 211 -2.96 8.33 -7.07
N ILE A 212 -3.68 7.34 -6.54
CA ILE A 212 -3.66 5.96 -7.05
C ILE A 212 -4.71 5.83 -8.12
N THR A 213 -4.37 5.16 -9.22
CA THR A 213 -5.36 4.90 -10.24
C THR A 213 -5.75 3.43 -10.35
N SER A 214 -4.87 2.51 -9.90
CA SER A 214 -5.20 1.09 -9.75
C SER A 214 -4.19 0.34 -8.87
N GLY A 215 -4.50 -0.94 -8.57
CA GLY A 215 -3.60 -1.79 -7.82
C GLY A 215 -4.31 -2.95 -7.12
N SER A 216 -3.69 -3.41 -6.05
CA SER A 216 -4.17 -4.56 -5.32
C SER A 216 -4.44 -4.16 -3.91
N MET A 217 -5.39 -4.84 -3.27
CA MET A 217 -5.52 -4.81 -1.83
C MET A 217 -4.82 -6.07 -1.36
N GLY A 218 -4.36 -6.04 -0.12
CA GLY A 218 -3.62 -7.15 0.44
C GLY A 218 -2.68 -6.71 1.54
N GLY A 219 -1.61 -7.46 1.73
CA GLY A 219 -0.69 -7.14 2.78
C GLY A 219 0.58 -7.94 2.68
N ILE A 220 1.42 -7.76 3.69
CA ILE A 220 2.76 -8.31 3.73
C ILE A 220 3.00 -8.83 5.14
N TYR A 221 3.67 -9.97 5.23
CA TYR A 221 4.20 -10.44 6.50
C TYR A 221 5.70 -10.67 6.31
N GLU A 222 6.52 -9.91 7.05
CA GLU A 222 7.97 -9.98 6.91
C GLU A 222 8.66 -10.64 8.10
N TYR A 223 9.49 -11.65 7.81
CA TYR A 223 10.36 -12.27 8.81
C TYR A 223 11.85 -12.05 8.50
N ILE A 224 12.67 -11.82 9.55
CA ILE A 224 14.13 -11.83 9.43
C ILE A 224 14.78 -12.65 10.54
N LEU A 225 15.36 -13.78 10.16
CA LEU A 225 16.01 -14.67 11.12
C LEU A 225 17.43 -14.22 11.43
N VAL A 226 17.81 -14.33 12.70
CA VAL A 226 19.13 -13.88 13.15
C VAL A 226 19.99 -15.07 13.57
N ILE A 227 21.03 -15.35 12.80
CA ILE A 227 21.82 -16.56 12.96
C ILE A 227 23.27 -16.26 13.35
N ASP A 228 23.92 -17.20 14.04
CA ASP A 228 25.24 -16.99 14.63
C ASP A 228 26.28 -17.84 13.91
N LYS A 229 27.04 -17.20 13.01
CA LYS A 229 27.98 -17.92 12.17
C LYS A 229 28.50 -19.19 12.86
N ALA A 230 29.37 -19.00 13.86
CA ALA A 230 30.11 -20.10 14.45
C ALA A 230 29.18 -21.23 14.89
N LYS A 231 27.89 -20.90 15.03
CA LYS A 231 26.92 -21.87 15.54
C LYS A 231 26.56 -22.89 14.48
N MET A 232 25.78 -22.48 13.49
CA MET A 232 25.48 -23.32 12.34
C MET A 232 26.70 -24.12 11.90
N GLU A 233 27.86 -23.48 11.93
CA GLU A 233 29.13 -24.19 11.77
C GLU A 233 29.10 -25.53 12.49
N SER A 234 29.07 -25.49 13.81
CA SER A 234 29.04 -26.71 14.61
C SER A 234 27.84 -27.60 14.26
N LEU A 235 26.65 -27.09 14.53
CA LEU A 235 25.43 -27.85 14.34
C LEU A 235 24.99 -27.84 12.88
N UNK A 237 20.31 -20.57 5.61
CA UNK A 237 19.83 -21.54 4.55
C UNK A 237 19.08 -22.73 5.16
N UNK A 238 19.73 -23.40 6.10
CA UNK A 238 19.15 -24.57 6.78
C UNK A 238 18.04 -24.19 7.75
N UNK A 239 18.27 -23.10 8.51
CA UNK A 239 17.29 -22.59 9.44
C UNK A 239 16.10 -21.97 8.71
N UNK A 240 16.38 -21.28 7.60
CA UNK A 240 15.35 -20.67 6.77
C UNK A 240 14.37 -21.72 6.26
N UNK A 241 14.90 -22.74 5.59
CA UNK A 241 14.08 -23.85 5.10
C UNK A 241 13.11 -24.34 6.18
N UNK A 242 13.66 -24.69 7.34
CA UNK A 242 12.88 -25.22 8.46
C UNK A 242 11.89 -24.21 9.07
N UNK A 243 12.33 -22.99 9.35
CA UNK A 243 11.48 -21.97 9.97
C UNK A 243 10.30 -21.56 9.09
N UNK A 244 10.44 -21.78 7.78
CA UNK A 244 9.37 -21.57 6.82
C UNK A 244 8.26 -22.62 7.01
N UNK A 245 8.66 -23.79 7.52
CA UNK A 245 7.71 -24.83 7.93
C UNK A 245 6.86 -24.36 9.10
N UNK A 246 7.53 -23.79 10.11
CA UNK A 246 6.87 -23.22 11.30
C UNK A 246 5.73 -22.27 10.95
N UNK A 247 5.91 -21.51 9.87
CA UNK A 247 4.82 -20.76 9.26
C UNK A 247 3.90 -21.77 8.58
N UNK A 248 4.10 -21.99 7.26
CA UNK A 248 3.43 -23.04 6.48
C UNK A 248 3.65 -22.82 4.99
N ARG A 250 12.16 -20.05 20.90
CA ARG A 250 12.92 -19.55 22.04
C ARG A 250 13.83 -20.65 22.61
N LYS A 251 14.23 -21.58 21.76
CA LYS A 251 14.40 -22.98 22.17
C LYS A 251 15.79 -23.63 22.03
N ALA A 252 16.43 -23.46 20.85
CA ALA A 252 17.75 -24.07 20.58
C ALA A 252 18.42 -23.42 19.37
N MET A 253 18.92 -24.26 18.44
CA MET A 253 18.92 -23.94 16.99
C MET A 253 19.54 -22.61 16.52
N ALA A 254 20.37 -21.97 17.34
CA ALA A 254 20.93 -20.64 17.04
C ALA A 254 19.83 -19.58 16.78
N VAL A 255 18.72 -19.70 17.51
CA VAL A 255 17.53 -18.89 17.29
C VAL A 255 17.61 -17.49 17.92
N GLU A 256 18.60 -16.73 17.47
CA GLU A 256 18.72 -15.30 17.72
C GLU A 256 17.39 -14.70 18.13
N ASP A 257 16.64 -14.20 17.15
CA ASP A 257 15.22 -13.88 17.39
C ASP A 257 14.56 -13.37 16.13
N ILE A 258 14.17 -14.29 15.24
CA ILE A 258 13.04 -14.04 14.29
C ILE A 258 12.34 -12.69 14.55
N ILE A 259 12.68 -11.68 13.75
CA ILE A 259 11.98 -10.38 13.84
C ILE A 259 10.98 -10.20 12.70
N SER A 260 9.78 -9.73 13.05
CA SER A 260 8.70 -9.63 12.06
C SER A 260 8.05 -8.24 11.89
N ARG A 261 7.63 -7.96 10.66
CA ARG A 261 6.95 -6.71 10.27
C ARG A 261 5.67 -7.09 9.55
N VAL A 262 4.59 -6.41 9.86
CA VAL A 262 3.30 -6.76 9.27
C VAL A 262 2.48 -5.54 8.82
N ARG A 263 1.90 -5.66 7.62
CA ARG A 263 0.92 -4.68 7.12
C ARG A 263 -0.36 -5.39 6.69
N GLY A 264 -1.47 -4.75 7.03
CA GLY A 264 -2.78 -5.32 6.81
C GLY A 264 -3.19 -6.33 7.85
N GLY A 265 -4.50 -6.53 7.98
CA GLY A 265 -5.02 -7.46 8.98
C GLY A 265 -5.24 -6.77 10.30
N SER A 266 -5.63 -7.56 11.29
CA SER A 266 -5.83 -7.04 12.64
C SER A 266 -5.85 -8.19 13.63
N SER A 267 -5.31 -7.93 14.81
CA SER A 267 -5.27 -8.91 15.90
C SER A 267 -6.60 -9.62 16.20
N GLY A 268 -6.52 -10.84 16.72
CA GLY A 268 -7.71 -11.59 17.14
C GLY A 268 -7.81 -13.00 16.58
N TYR A 282 -0.63 -15.03 14.81
CA TYR A 282 -0.60 -13.90 13.90
C TYR A 282 -0.62 -14.33 12.43
N ARG A 283 -0.89 -15.60 12.16
CA ARG A 283 -1.36 -15.99 10.83
C ARG A 283 -2.90 -15.95 10.84
N SER A 284 -3.43 -15.40 11.94
CA SER A 284 -4.73 -14.73 11.93
C SER A 284 -4.67 -13.54 10.98
N TRP A 285 -3.44 -13.17 10.60
CA TRP A 285 -3.21 -12.22 9.53
C TRP A 285 -3.88 -12.75 8.26
N GLY A 286 -3.60 -14.02 7.94
CA GLY A 286 -4.14 -14.65 6.74
C GLY A 286 -5.65 -14.59 6.64
N ARG A 287 -6.33 -14.96 7.73
CA ARG A 287 -7.79 -14.98 7.78
C ARG A 287 -8.41 -13.59 7.69
N SER A 288 -7.80 -12.63 8.37
CA SER A 288 -8.37 -11.29 8.52
C SER A 288 -7.95 -10.29 7.44
N LEU A 289 -6.96 -10.65 6.63
CA LEU A 289 -6.35 -9.69 5.71
C LEU A 289 -7.34 -9.07 4.71
N LYS A 290 -8.15 -9.91 4.09
CA LYS A 290 -9.13 -9.50 3.08
C LYS A 290 -10.03 -8.37 3.58
N TYR A 291 -10.33 -8.36 4.89
CA TYR A 291 -11.23 -7.36 5.46
C TYR A 291 -10.52 -6.14 6.03
N ASN A 292 -9.20 -6.22 6.10
CA ASN A 292 -8.39 -5.12 6.62
C ASN A 292 -7.11 -4.91 5.84
N PRO A 293 -7.26 -4.70 4.53
CA PRO A 293 -6.08 -4.67 3.67
C PRO A 293 -5.43 -3.30 3.64
N VAL A 294 -4.23 -3.26 3.08
CA VAL A 294 -3.63 -1.99 2.69
C VAL A 294 -3.47 -2.08 1.20
N VAL A 295 -3.17 -0.94 0.55
CA VAL A 295 -2.99 -0.88 -0.89
C VAL A 295 -1.57 -1.28 -1.25
N ILE A 296 -1.43 -2.16 -2.24
CA ILE A 296 -0.13 -2.62 -2.69
C ILE A 296 -0.11 -2.79 -4.20
N ASP A 297 1.10 -2.85 -4.75
CA ASP A 297 1.34 -3.03 -6.18
C ASP A 297 0.46 -2.09 -6.99
N PHE A 298 0.53 -0.82 -6.60
CA PHE A 298 -0.35 0.18 -7.16
C PHE A 298 0.30 1.06 -8.21
N GLU A 299 -0.57 1.58 -9.08
CA GLU A 299 -0.20 2.59 -10.07
C GLU A 299 -0.70 3.94 -9.63
N MET A 300 -0.02 5.00 -10.04
CA MET A 300 -0.33 6.34 -9.60
C MET A 300 -0.03 7.39 -10.63
N GLN A 301 -0.71 8.54 -10.45
CA GLN A 301 -0.53 9.71 -11.29
C GLN A 301 -0.18 10.89 -10.41
N PRO A 302 0.62 11.82 -10.95
CA PRO A 302 0.86 13.04 -10.20
C PRO A 302 -0.44 13.71 -9.79
N ILE A 303 -0.44 14.27 -8.58
CA ILE A 303 -1.62 14.90 -8.01
C ILE A 303 -2.41 15.82 -8.98
N HIS A 304 -1.70 16.51 -9.87
CA HIS A 304 -2.34 17.53 -10.69
C HIS A 304 -3.20 16.96 -11.76
N GLU A 305 -2.96 15.70 -12.11
CA GLU A 305 -3.72 15.02 -13.15
C GLU A 305 -5.14 14.78 -12.69
N VAL A 306 -5.37 14.87 -11.38
CA VAL A 306 -6.66 14.57 -10.81
C VAL A 306 -7.70 15.53 -11.37
N LEU A 307 -7.26 16.71 -11.77
CA LEU A 307 -8.22 17.72 -12.20
C LEU A 307 -8.22 17.99 -13.71
N ARG A 308 -7.52 17.14 -14.46
CA ARG A 308 -7.31 17.37 -15.86
C ARG A 308 -8.56 17.06 -16.66
N HIS A 309 -9.29 16.03 -16.24
CA HIS A 309 -10.61 15.79 -16.80
C HIS A 309 -11.58 16.25 -15.74
N THR A 310 -12.64 15.45 -15.56
CA THR A 310 -13.44 15.52 -14.34
C THR A 310 -13.94 16.92 -13.98
N SER A 311 -14.79 17.48 -14.86
CA SER A 311 -15.64 18.64 -14.55
C SER A 311 -14.83 19.90 -14.18
N LEU A 312 -15.41 20.70 -13.28
CA LEU A 312 -14.75 21.84 -12.61
C LEU A 312 -13.84 22.71 -13.50
N GLY A 313 -14.50 23.54 -14.33
CA GLY A 313 -13.83 24.41 -15.31
C GLY A 313 -12.87 25.45 -14.74
N PRO A 314 -13.40 26.52 -14.12
CA PRO A 314 -12.63 27.59 -13.47
C PRO A 314 -11.27 27.19 -12.93
N LEU A 315 -11.18 26.02 -12.29
CA LEU A 315 -9.98 25.61 -11.57
C LEU A 315 -8.81 25.11 -12.43
N GLU A 316 -8.88 25.31 -13.75
CA GLU A 316 -7.82 24.84 -14.63
C GLU A 316 -6.47 25.55 -14.46
N ALA A 317 -6.45 26.86 -14.60
CA ALA A 317 -5.21 27.63 -14.41
C ALA A 317 -4.49 27.36 -13.06
N LYS A 318 -5.24 26.82 -12.11
CA LYS A 318 -4.64 26.33 -10.87
C LYS A 318 -3.84 25.04 -11.10
N ARG A 319 -4.09 24.34 -12.19
CA ARG A 319 -3.34 23.13 -12.54
C ARG A 319 -1.93 23.47 -13.01
N GLN A 320 -1.75 24.56 -13.77
CA GLN A 320 -0.40 24.94 -14.18
C GLN A 320 0.44 25.24 -12.94
N ASN A 321 -0.12 26.01 -12.02
CA ASN A 321 0.55 26.30 -10.75
C ASN A 321 0.85 25.01 -10.00
N LEU A 322 -0.11 24.09 -9.96
CA LEU A 322 0.07 22.86 -9.21
C LEU A 322 1.15 22.00 -9.84
N ARG A 323 1.20 21.97 -11.17
CA ARG A 323 2.27 21.26 -11.92
C ARG A 323 3.58 21.90 -11.54
N ARG A 324 3.65 23.22 -11.71
CA ARG A 324 4.90 23.92 -11.45
C ARG A 324 5.42 23.63 -10.06
N ALA A 325 4.55 23.72 -9.06
CA ALA A 325 4.97 23.51 -7.66
C ALA A 325 5.42 22.07 -7.45
N LEU A 326 4.73 21.12 -8.07
CA LEU A 326 5.11 19.70 -7.93
C LEU A 326 6.50 19.50 -8.49
N ASP A 327 6.74 20.04 -9.68
CA ASP A 327 8.05 19.96 -10.25
C ASP A 327 9.13 20.50 -9.31
N GLN A 328 8.84 21.60 -8.62
CA GLN A 328 9.81 22.22 -7.74
C GLN A 328 10.01 21.35 -6.50
N TYR A 329 8.89 20.88 -5.96
CA TYR A 329 8.83 20.03 -4.76
C TYR A 329 9.63 18.74 -4.90
N LEU A 330 9.63 18.15 -6.08
CA LEU A 330 10.30 16.89 -6.32
C LEU A 330 11.80 17.06 -6.64
N MET A 331 12.19 18.27 -7.03
CA MET A 331 13.60 18.60 -7.29
C MET A 331 14.40 18.69 -6.00
N ALA A 332 13.72 19.09 -4.93
CA ALA A 332 14.26 19.16 -3.56
C ALA A 332 15.52 18.31 -3.35
S SO4 B . -10.74 0.75 4.62
O1 SO4 B . -11.99 1.28 4.05
O2 SO4 B . -10.71 1.33 5.97
O3 SO4 B . -10.73 -0.70 4.62
O4 SO4 B . -9.52 1.12 3.89
S SO4 C . 0.13 0.97 7.06
O1 SO4 C . -0.27 1.32 5.70
O2 SO4 C . 1.11 1.95 7.54
O3 SO4 C . -1.06 0.99 7.90
O4 SO4 C . 0.71 -0.36 7.04
S SO4 D . -4.95 11.79 -20.29
O1 SO4 D . -6.17 11.50 -21.04
O2 SO4 D . -5.04 13.11 -19.68
O3 SO4 D . -4.80 10.78 -19.24
O4 SO4 D . -3.81 11.74 -21.19
NI NI E . -8.22 -9.97 -10.92
#